data_6XL7
#
_entry.id   6XL7
#
_cell.length_a   85.980
_cell.length_b   85.980
_cell.length_c   46.080
_cell.angle_alpha   90.000
_cell.angle_beta   90.000
_cell.angle_gamma   90.000
#
_symmetry.space_group_name_H-M   'P 41 21 2'
#
loop_
_entity.id
_entity.type
_entity.pdbx_description
1 polymer SG7.AF
2 non-polymer 'SULFATE ION'
3 non-polymer 'CHLORIDE ION'
4 water water
#
_entity_poly.entity_id   1
_entity_poly.type   'polypeptide(L)'
_entity_poly.pdbx_seq_one_letter_code
;ARKHVQELLKTFRRIDFDETRKSVYLQSAKFGVQSQLREPLTKKVLNYWDDVKLSKTCLDRMVTKVNDVKETFYAGFSYA
CESHNQYSVDCLEAAKPSYLTALGEIRGETEKCLTTRLK
;
_entity_poly.pdbx_strand_id   A
#
# COMPACT_ATOMS: atom_id res chain seq x y z
N ALA A 1 -7.15 17.36 -8.13
CA ALA A 1 -7.20 18.50 -7.22
C ALA A 1 -7.09 18.04 -5.77
N ARG A 2 -7.11 19.01 -4.85
CA ARG A 2 -7.00 18.69 -3.42
C ARG A 2 -8.07 17.69 -2.99
N LYS A 3 -9.31 17.87 -3.48
CA LYS A 3 -10.37 16.95 -3.08
C LYS A 3 -10.05 15.50 -3.44
N HIS A 4 -9.34 15.28 -4.56
CA HIS A 4 -8.96 13.93 -4.94
C HIS A 4 -7.86 13.38 -4.06
N VAL A 5 -6.93 14.24 -3.63
CA VAL A 5 -5.94 13.83 -2.64
C VAL A 5 -6.64 13.36 -1.37
N GLN A 6 -7.63 14.13 -0.91
CA GLN A 6 -8.33 13.76 0.32
C GLN A 6 -9.08 12.44 0.14
N GLU A 7 -9.77 12.25 -0.99
CA GLU A 7 -10.50 11.00 -1.20
C GLU A 7 -9.54 9.82 -1.28
N LEU A 8 -8.40 10.01 -1.92
CA LEU A 8 -7.40 8.97 -1.98
C LEU A 8 -6.85 8.65 -0.59
N LEU A 9 -6.58 9.68 0.21
CA LEU A 9 -6.06 9.43 1.55
C LEU A 9 -7.11 8.80 2.47
N LYS A 10 -8.39 9.09 2.25
CA LYS A 10 -9.44 8.37 2.94
C LYS A 10 -9.32 6.87 2.68
N THR A 11 -9.03 6.51 1.43
CA THR A 11 -8.83 5.11 1.09
C THR A 11 -7.56 4.55 1.75
N PHE A 12 -6.49 5.33 1.82
CA PHE A 12 -5.28 4.84 2.48
C PHE A 12 -5.51 4.61 3.97
N ARG A 13 -6.37 5.42 4.60
CA ARG A 13 -6.71 5.20 6.00
C ARG A 13 -7.28 3.80 6.22
N ARG A 14 -7.91 3.23 5.18
CA ARG A 14 -8.48 1.88 5.27
CA ARG A 14 -8.48 1.89 5.29
C ARG A 14 -7.43 0.78 5.17
N ILE A 15 -6.20 1.12 4.78
CA ILE A 15 -5.08 0.18 4.78
C ILE A 15 -4.48 0.25 6.18
N ASP A 16 -4.93 -0.66 7.05
CA ASP A 16 -4.55 -0.62 8.44
C ASP A 16 -3.27 -1.40 8.69
N PHE A 17 -2.59 -1.05 9.78
CA PHE A 17 -1.41 -1.73 10.25
C PHE A 17 -1.65 -2.20 11.67
N ASP A 18 -1.23 -3.42 11.97
CA ASP A 18 -1.42 -4.00 13.29
C ASP A 18 -0.27 -3.52 14.18
N GLU A 19 -0.56 -2.55 15.04
CA GLU A 19 0.47 -1.90 15.86
C GLU A 19 1.04 -2.81 16.93
N THR A 20 0.48 -4.00 17.15
CA THR A 20 1.10 -4.94 18.07
C THR A 20 2.29 -5.68 17.46
N ARG A 21 2.49 -5.55 16.14
CA ARG A 21 3.60 -6.23 15.47
C ARG A 21 4.90 -5.47 15.72
N LYS A 22 6.02 -6.17 15.47
CA LYS A 22 7.34 -5.62 15.80
C LYS A 22 7.58 -4.32 15.04
N SER A 23 8.18 -3.35 15.72
CA SER A 23 8.40 -2.03 15.11
CA SER A 23 8.40 -2.04 15.11
C SER A 23 9.29 -2.12 13.88
N VAL A 24 10.28 -3.01 13.87
CA VAL A 24 11.15 -3.09 12.69
C VAL A 24 10.34 -3.51 11.46
N TYR A 25 9.38 -4.42 11.64
CA TYR A 25 8.50 -4.80 10.54
C TYR A 25 7.57 -3.64 10.16
N LEU A 26 6.96 -2.99 11.16
CA LEU A 26 6.00 -1.93 10.88
C LEU A 26 6.65 -0.80 10.09
N GLN A 27 7.89 -0.44 10.43
CA GLN A 27 8.58 0.62 9.71
C GLN A 27 8.75 0.26 8.23
N SER A 28 9.14 -0.97 7.94
CA SER A 28 9.30 -1.40 6.56
CA SER A 28 9.30 -1.39 6.55
C SER A 28 7.95 -1.50 5.86
N ALA A 29 6.94 -2.04 6.54
CA ALA A 29 5.63 -2.17 5.93
C ALA A 29 5.05 -0.80 5.57
N LYS A 30 5.15 0.15 6.49
CA LYS A 30 4.63 1.50 6.24
C LYS A 30 5.44 2.21 5.16
N PHE A 31 6.76 2.07 5.18
CA PHE A 31 7.56 2.72 4.14
CA PHE A 31 7.58 2.69 4.14
C PHE A 31 7.20 2.18 2.77
N GLY A 32 6.95 0.87 2.65
CA GLY A 32 6.58 0.32 1.36
C GLY A 32 5.31 0.96 0.81
N VAL A 33 4.28 1.06 1.65
CA VAL A 33 3.03 1.66 1.21
C VAL A 33 3.23 3.13 0.86
N GLN A 34 4.01 3.85 1.68
CA GLN A 34 4.24 5.27 1.43
C GLN A 34 4.97 5.49 0.11
N SER A 35 6.04 4.74 -0.12
CA SER A 35 6.92 5.02 -1.25
C SER A 35 6.37 4.45 -2.55
N GLN A 36 5.73 3.29 -2.51
CA GLN A 36 5.26 2.65 -3.72
C GLN A 36 3.86 3.09 -4.13
N LEU A 37 3.06 3.61 -3.19
CA LEU A 37 1.66 3.89 -3.46
C LEU A 37 1.23 5.31 -3.07
N ARG A 38 1.39 5.69 -1.81
CA ARG A 38 0.82 6.95 -1.34
CA ARG A 38 0.81 6.94 -1.35
C ARG A 38 1.43 8.14 -2.07
N GLU A 39 2.76 8.20 -2.13
CA GLU A 39 3.39 9.34 -2.81
C GLU A 39 3.07 9.39 -4.30
N PRO A 40 3.29 8.35 -5.10
CA PRO A 40 3.00 8.49 -6.53
C PRO A 40 1.53 8.69 -6.85
N LEU A 41 0.62 8.04 -6.11
CA LEU A 41 -0.79 8.21 -6.46
C LEU A 41 -1.34 9.57 -6.04
N THR A 42 -0.87 10.10 -4.91
N THR A 42 -0.88 10.13 -4.91
CA THR A 42 -1.27 11.45 -4.52
CA THR A 42 -1.32 11.47 -4.55
C THR A 42 -0.82 12.45 -5.58
C THR A 42 -0.81 12.50 -5.57
N LYS A 43 0.43 12.33 -6.03
CA LYS A 43 0.93 13.23 -7.07
C LYS A 43 0.09 13.14 -8.33
N LYS A 44 -0.35 11.93 -8.68
CA LYS A 44 -1.15 11.74 -9.89
C LYS A 44 -2.49 12.47 -9.78
N VAL A 45 -3.22 12.24 -8.69
CA VAL A 45 -4.57 12.79 -8.59
C VAL A 45 -4.57 14.27 -8.31
N LEU A 46 -3.48 14.81 -7.78
CA LEU A 46 -3.39 16.24 -7.60
C LEU A 46 -3.67 16.98 -8.91
N ASN A 47 -3.26 16.39 -10.06
CA ASN A 47 -3.38 17.02 -11.37
C ASN A 47 -4.82 17.10 -11.87
N TYR A 48 -5.73 16.31 -11.32
CA TYR A 48 -7.05 16.19 -11.92
C TYR A 48 -7.82 17.49 -11.77
N TRP A 49 -8.63 17.82 -12.77
CA TRP A 49 -9.49 18.99 -12.63
C TRP A 49 -10.51 18.78 -11.53
N ASP A 50 -11.13 19.89 -11.12
CA ASP A 50 -11.91 19.92 -9.90
C ASP A 50 -13.01 18.85 -9.87
N ASP A 51 -13.58 18.48 -11.02
CA ASP A 51 -14.75 17.61 -11.03
C ASP A 51 -14.50 16.22 -11.61
N VAL A 52 -13.23 15.81 -11.73
CA VAL A 52 -12.95 14.40 -12.03
C VAL A 52 -13.59 13.52 -10.96
N LYS A 53 -14.15 12.39 -11.39
CA LYS A 53 -14.70 11.39 -10.49
C LYS A 53 -13.75 10.21 -10.38
N LEU A 54 -13.45 9.80 -9.15
CA LEU A 54 -12.63 8.61 -8.92
C LEU A 54 -13.52 7.38 -8.87
N SER A 55 -12.96 6.25 -9.31
CA SER A 55 -13.66 4.97 -9.28
C SER A 55 -13.57 4.36 -7.88
N LYS A 56 -14.73 4.22 -7.22
CA LYS A 56 -14.75 3.61 -5.90
C LYS A 56 -14.34 2.14 -5.94
N THR A 57 -14.72 1.42 -7.00
CA THR A 57 -14.31 0.02 -7.10
C THR A 57 -12.81 -0.08 -7.26
N CYS A 58 -12.20 0.83 -8.01
CA CYS A 58 -10.74 0.83 -8.14
C CYS A 58 -10.08 1.05 -6.80
N LEU A 59 -10.56 2.04 -6.04
CA LEU A 59 -9.98 2.33 -4.73
C LEU A 59 -10.15 1.16 -3.78
N ASP A 60 -11.32 0.53 -3.78
CA ASP A 60 -11.59 -0.59 -2.89
C ASP A 60 -10.65 -1.76 -3.19
N ARG A 61 -10.41 -2.03 -4.49
CA ARG A 61 -9.50 -3.10 -4.87
C ARG A 61 -8.08 -2.80 -4.43
N MET A 62 -7.67 -1.53 -4.47
CA MET A 62 -6.34 -1.21 -3.97
C MET A 62 -6.20 -1.60 -2.50
N VAL A 63 -7.23 -1.34 -1.70
CA VAL A 63 -7.17 -1.63 -0.28
C VAL A 63 -7.00 -3.14 -0.05
N THR A 64 -7.84 -3.96 -0.68
CA THR A 64 -7.74 -5.40 -0.43
C THR A 64 -6.44 -5.96 -0.97
N LYS A 65 -5.99 -5.50 -2.14
CA LYS A 65 -4.75 -6.01 -2.70
C LYS A 65 -3.57 -5.68 -1.79
N VAL A 66 -3.52 -4.45 -1.28
CA VAL A 66 -2.43 -4.06 -0.38
C VAL A 66 -2.48 -4.86 0.89
N ASN A 67 -3.68 -5.06 1.44
CA ASN A 67 -3.75 -5.81 2.67
CA ASN A 67 -3.86 -5.86 2.66
C ASN A 67 -3.25 -7.25 2.49
N ASP A 68 -3.56 -7.89 1.35
CA ASP A 68 -3.07 -9.25 1.10
C ASP A 68 -1.55 -9.27 0.90
N VAL A 69 -1.02 -8.31 0.14
CA VAL A 69 0.42 -8.22 -0.08
C VAL A 69 1.15 -7.98 1.24
N LYS A 70 0.59 -7.12 2.10
CA LYS A 70 1.21 -6.82 3.38
C LYS A 70 1.15 -8.02 4.33
N GLU A 71 0.02 -8.74 4.36
CA GLU A 71 -0.02 -9.96 5.18
C GLU A 71 1.02 -10.97 4.72
N THR A 72 1.26 -11.03 3.40
CA THR A 72 2.26 -11.96 2.87
C THR A 72 3.66 -11.55 3.33
N PHE A 73 3.97 -10.25 3.28
CA PHE A 73 5.22 -9.73 3.82
C PHE A 73 5.37 -10.09 5.29
N TYR A 74 4.30 -9.87 6.09
CA TYR A 74 4.37 -10.19 7.50
C TYR A 74 4.63 -11.68 7.72
N ALA A 75 4.00 -12.54 6.92
CA ALA A 75 4.24 -13.97 7.05
C ALA A 75 5.71 -14.29 6.81
N GLY A 76 6.33 -13.65 5.80
CA GLY A 76 7.73 -13.91 5.52
C GLY A 76 8.67 -13.39 6.60
N PHE A 77 8.25 -12.35 7.34
CA PHE A 77 9.02 -11.83 8.46
C PHE A 77 8.93 -12.74 9.67
N SER A 78 7.78 -13.41 9.84
CA SER A 78 7.45 -14.06 11.09
C SER A 78 7.19 -15.55 10.93
N TYR A 79 5.92 -15.96 10.97
CA TYR A 79 5.57 -17.36 11.20
C TYR A 79 5.84 -18.27 10.00
N ALA A 80 6.06 -17.72 8.81
CA ALA A 80 6.41 -18.54 7.64
C ALA A 80 7.88 -18.45 7.29
N CYS A 81 8.71 -17.80 8.10
CA CYS A 81 10.12 -17.71 7.79
C CYS A 81 10.83 -18.99 8.24
N GLU A 82 11.53 -19.63 7.31
CA GLU A 82 12.31 -20.83 7.60
C GLU A 82 13.78 -20.65 7.35
N SER A 83 14.20 -19.51 6.82
CA SER A 83 15.60 -19.28 6.46
C SER A 83 16.42 -18.74 7.62
N HIS A 84 15.78 -18.07 8.57
CA HIS A 84 16.47 -17.43 9.69
C HIS A 84 15.52 -17.49 10.88
N ASN A 85 16.02 -17.07 12.06
CA ASN A 85 15.16 -17.00 13.23
C ASN A 85 13.95 -16.13 12.93
N GLN A 86 12.78 -16.59 13.34
CA GLN A 86 11.58 -15.83 13.03
C GLN A 86 11.61 -14.48 13.72
N TYR A 87 11.02 -13.48 13.05
CA TYR A 87 10.96 -12.09 13.51
C TYR A 87 12.31 -11.38 13.39
N SER A 88 13.26 -11.96 12.67
CA SER A 88 14.59 -11.36 12.55
C SER A 88 14.65 -10.37 11.41
N VAL A 89 15.64 -9.49 11.46
CA VAL A 89 15.93 -8.58 10.36
C VAL A 89 16.25 -9.36 9.09
N ASP A 90 16.93 -10.51 9.22
CA ASP A 90 17.24 -11.30 8.03
C ASP A 90 15.97 -11.84 7.37
N CYS A 91 14.99 -12.31 8.15
CA CYS A 91 13.71 -12.68 7.56
C CYS A 91 13.06 -11.48 6.86
N LEU A 92 13.07 -10.33 7.53
CA LEU A 92 12.44 -9.13 6.96
C LEU A 92 13.09 -8.77 5.62
N GLU A 93 14.42 -8.72 5.58
CA GLU A 93 15.10 -8.29 4.37
C GLU A 93 14.94 -9.29 3.24
N ALA A 94 14.80 -10.57 3.57
CA ALA A 94 14.58 -11.58 2.53
C ALA A 94 13.19 -11.47 1.91
N ALA A 95 12.22 -10.91 2.64
CA ALA A 95 10.85 -10.80 2.15
C ALA A 95 10.52 -9.42 1.60
N LYS A 96 11.36 -8.42 1.88
CA LYS A 96 11.05 -7.04 1.54
C LYS A 96 11.06 -6.75 0.03
N PRO A 97 12.02 -7.24 -0.76
CA PRO A 97 11.98 -6.88 -2.19
C PRO A 97 10.73 -7.33 -2.90
N SER A 98 10.23 -8.53 -2.60
CA SER A 98 9.00 -8.98 -3.26
C SER A 98 7.79 -8.19 -2.77
N TYR A 99 7.80 -7.74 -1.52
CA TYR A 99 6.76 -6.85 -1.01
C TYR A 99 6.72 -5.57 -1.82
N LEU A 100 7.87 -4.91 -1.97
CA LEU A 100 7.92 -3.64 -2.69
C LEU A 100 7.51 -3.81 -4.15
N THR A 101 8.01 -4.87 -4.81
CA THR A 101 7.62 -5.14 -6.19
C THR A 101 6.12 -5.36 -6.31
N ALA A 102 5.53 -6.10 -5.38
CA ALA A 102 4.08 -6.36 -5.46
C ALA A 102 3.30 -5.06 -5.26
N LEU A 103 3.74 -4.19 -4.36
CA LEU A 103 3.07 -2.90 -4.19
C LEU A 103 3.18 -2.07 -5.46
N GLY A 104 4.34 -2.13 -6.11
CA GLY A 104 4.51 -1.40 -7.36
C GLY A 104 3.56 -1.86 -8.44
N GLU A 105 3.30 -3.17 -8.50
CA GLU A 105 2.34 -3.69 -9.46
C GLU A 105 0.94 -3.20 -9.15
N ILE A 106 0.59 -3.13 -7.86
CA ILE A 106 -0.69 -2.56 -7.46
C ILE A 106 -0.79 -1.12 -7.90
N ARG A 107 0.32 -0.36 -7.79
CA ARG A 107 0.29 1.04 -8.25
C ARG A 107 -0.09 1.11 -9.73
N GLY A 108 0.55 0.31 -10.57
CA GLY A 108 0.25 0.36 -11.99
C GLY A 108 -1.19 -0.04 -12.28
N GLU A 109 -1.69 -1.06 -11.60
CA GLU A 109 -3.07 -1.48 -11.81
C GLU A 109 -4.05 -0.41 -11.38
N THR A 110 -3.79 0.21 -10.22
CA THR A 110 -4.67 1.26 -9.71
C THR A 110 -4.67 2.48 -10.62
N GLU A 111 -3.50 2.86 -11.15
CA GLU A 111 -3.44 4.00 -12.04
C GLU A 111 -4.36 3.81 -13.24
N LYS A 112 -4.45 2.58 -13.75
CA LYS A 112 -5.27 2.32 -14.93
C LYS A 112 -6.76 2.50 -14.65
N CYS A 113 -7.22 2.27 -13.42
CA CYS A 113 -8.65 2.27 -13.11
C CYS A 113 -9.10 3.48 -12.30
N LEU A 114 -8.20 4.41 -12.00
CA LEU A 114 -8.48 5.41 -10.96
C LEU A 114 -9.66 6.31 -11.32
N THR A 115 -9.75 6.76 -12.57
CA THR A 115 -10.81 7.70 -12.94
C THR A 115 -11.94 7.02 -13.68
N THR A 116 -13.11 7.64 -13.61
CA THR A 116 -14.32 7.13 -14.27
C THR A 116 -15.12 8.31 -14.81
N ARG A 117 -16.28 8.02 -15.42
CA ARG A 117 -17.11 9.09 -15.96
C ARG A 117 -17.97 9.72 -14.87
N LEU A 118 -18.44 10.93 -15.16
CA LEU A 118 -19.50 11.50 -14.34
C LEU A 118 -20.81 10.77 -14.58
N LYS A 119 -21.68 10.81 -13.57
CA LYS A 119 -23.09 10.49 -13.75
C LYS A 119 -23.92 10.96 -12.56
#